data_4E4P
#
_entry.id   4E4P
#
_cell.length_a   179.518
_cell.length_b   58.528
_cell.length_c   65.024
_cell.angle_alpha   90.000
_cell.angle_beta   108.810
_cell.angle_gamma   90.000
#
_symmetry.space_group_name_H-M   'C 1 2 1'
#
loop_
_entity.id
_entity.type
_entity.pdbx_description
1 polymer 'Endo-1,4-beta-xylanase A'
2 non-polymer 'MAGNESIUM ION'
3 non-polymer 'CHLORIDE ION'
4 water water
#
_entity_poly.entity_id   1
_entity_poly.type   'polypeptide(L)'
_entity_poly.pdbx_seq_one_letter_code
;GSHMAPLKDVYKNDFLIGNAISAEDLEGTRLELLKMHHDVVTAGNAMKPDALQPTKGNFTFTAADAMIDKVLAEGMKMHG
HVLVWHQQSPAWLNTKKDDNNNTVPLGRDEALDNLRTHIQTVMKHFGNKVISWDVVNEAMNDNPSNPADYKASLRQTPWY
QAIGSDYVEQAFLAAREVLDENPSWNIKLYYNDYNEDNQNKATAIYNMVKDINDRYAAAHNGKLLIDGVGMQGHYNINTN
PDNVKLSLEKFISLGVEVSVSELDVTAGNNYTLPENLAVGQAYLYAQLFKLYKEHADHIARVTFWGMDDNTSWRAENNPL
LFDKNLQAKPAYYGVIDPAEQ
;
_entity_poly.pdbx_strand_id   A,B
#
loop_
_chem_comp.id
_chem_comp.type
_chem_comp.name
_chem_comp.formula
CL non-polymer 'CHLORIDE ION' 'Cl -1'
MG non-polymer 'MAGNESIUM ION' 'Mg 2'
#
# COMPACT_ATOMS: atom_id res chain seq x y z
N ALA A 5 41.72 -7.39 7.00
CA ALA A 5 40.52 -6.77 6.37
C ALA A 5 39.27 -6.80 7.27
N PRO A 6 38.56 -5.66 7.40
CA PRO A 6 37.38 -5.67 8.26
C PRO A 6 36.16 -6.18 7.51
N LEU A 7 35.33 -6.95 8.19
CA LEU A 7 34.12 -7.49 7.60
C LEU A 7 33.36 -6.38 6.88
N LYS A 8 33.19 -5.27 7.58
CA LYS A 8 32.57 -4.06 7.08
C LYS A 8 33.01 -3.65 5.64
N ASP A 9 34.30 -3.76 5.34
CA ASP A 9 34.85 -3.44 4.02
C ASP A 9 34.60 -4.51 2.98
N VAL A 10 34.67 -5.76 3.40
CA VAL A 10 34.45 -6.89 2.52
C VAL A 10 33.01 -6.90 1.95
N TYR A 11 32.05 -6.64 2.82
CA TYR A 11 30.62 -6.64 2.42
C TYR A 11 29.99 -5.23 2.16
N LYS A 12 30.83 -4.25 1.83
CA LYS A 12 30.44 -2.84 1.62
C LYS A 12 29.24 -2.61 0.69
N ASN A 13 29.24 -3.26 -0.47
CA ASN A 13 28.14 -3.13 -1.42
C ASN A 13 26.96 -4.10 -1.13
N ASP A 14 27.19 -5.08 -0.24
CA ASP A 14 26.29 -6.22 0.00
C ASP A 14 25.26 -5.94 1.15
N PHE A 15 25.75 -5.68 2.36
CA PHE A 15 24.84 -5.49 3.48
C PHE A 15 25.62 -4.87 4.61
N LEU A 16 24.90 -4.22 5.51
CA LEU A 16 25.50 -3.66 6.71
C LEU A 16 26.03 -4.79 7.59
N ILE A 17 27.19 -4.59 8.23
CA ILE A 17 27.71 -5.55 9.20
C ILE A 17 27.49 -4.98 10.58
N GLY A 18 26.84 -5.74 11.41
CA GLY A 18 26.39 -5.27 12.73
C GLY A 18 26.86 -6.02 13.95
N ASN A 19 26.72 -5.37 15.08
CA ASN A 19 26.99 -6.04 16.36
C ASN A 19 26.02 -5.63 17.46
N ALA A 20 25.76 -6.52 18.38
CA ALA A 20 24.99 -6.20 19.56
C ALA A 20 25.92 -5.76 20.71
N ILE A 21 25.56 -4.68 21.37
CA ILE A 21 26.47 -4.15 22.39
C ILE A 21 25.73 -3.75 23.65
N SER A 22 26.51 -3.42 24.68
CA SER A 22 26.06 -2.83 25.93
C SER A 22 26.76 -1.46 26.16
N ALA A 23 26.36 -0.74 27.21
CA ALA A 23 27.11 0.44 27.73
C ALA A 23 28.64 0.28 27.89
N GLU A 24 29.16 -0.80 28.50
CA GLU A 24 30.64 -0.96 28.61
C GLU A 24 31.39 -1.17 27.26
N ASP A 25 30.71 -1.62 26.20
CA ASP A 25 31.26 -1.41 24.84
C ASP A 25 31.24 0.14 24.68
N LEU A 26 31.72 0.74 23.62
CA LEU A 26 31.61 2.25 23.61
C LEU A 26 32.59 3.01 24.54
N GLU A 27 33.51 2.29 25.16
CA GLU A 27 34.53 2.85 26.06
C GLU A 27 35.87 2.40 25.49
N GLY A 28 36.83 3.32 25.45
CA GLY A 28 38.24 2.99 25.21
C GLY A 28 38.56 1.91 24.20
N THR A 29 39.11 0.78 24.74
CA THR A 29 39.64 -0.31 23.91
C THR A 29 38.54 -1.06 23.13
N ARG A 30 37.39 -1.28 23.76
CA ARG A 30 36.23 -1.92 23.10
C ARG A 30 35.62 -1.05 21.98
N LEU A 31 35.71 0.27 22.15
CA LEU A 31 35.11 1.20 21.18
C LEU A 31 35.80 1.19 19.81
N GLU A 32 37.12 1.15 19.78
CA GLU A 32 37.86 1.15 18.52
C GLU A 32 37.70 -0.12 17.68
N LEU A 33 37.60 -1.28 18.36
CA LEU A 33 37.27 -2.53 17.64
C LEU A 33 35.85 -2.48 17.10
N LEU A 34 34.94 -1.95 17.92
CA LEU A 34 33.56 -1.80 17.47
C LEU A 34 33.50 -1.05 16.12
N LYS A 35 34.06 0.14 16.08
CA LYS A 35 34.02 0.98 14.87
C LYS A 35 34.78 0.39 13.68
N MET A 36 35.93 -0.20 13.97
CA MET A 36 36.71 -0.76 12.90
C MET A 36 35.93 -1.80 12.13
N HIS A 37 35.12 -2.60 12.81
CA HIS A 37 34.58 -3.78 12.16
C HIS A 37 33.11 -3.67 11.73
N HIS A 38 32.35 -2.72 12.29
CA HIS A 38 30.87 -2.71 12.24
C HIS A 38 30.31 -1.40 11.81
N ASP A 39 29.25 -1.43 11.01
CA ASP A 39 28.54 -0.22 10.57
C ASP A 39 27.31 0.08 11.40
N VAL A 40 26.78 -0.95 12.04
CA VAL A 40 25.49 -0.82 12.71
C VAL A 40 25.54 -1.53 14.07
N VAL A 41 24.80 -1.05 15.05
CA VAL A 41 24.78 -1.71 16.37
C VAL A 41 23.33 -1.86 16.77
N THR A 42 23.06 -2.82 17.67
CA THR A 42 21.78 -3.05 18.27
C THR A 42 22.03 -3.04 19.78
N ALA A 43 21.12 -2.47 20.57
CA ALA A 43 21.42 -2.47 22.01
C ALA A 43 20.96 -3.82 22.47
N GLY A 44 21.79 -4.51 23.22
CA GLY A 44 21.40 -5.77 23.72
C GLY A 44 20.22 -5.75 24.65
N ASN A 45 20.15 -4.75 25.51
CA ASN A 45 19.17 -4.74 26.58
C ASN A 45 18.46 -3.39 26.77
N ALA A 46 19.14 -2.31 26.39
CA ALA A 46 18.72 -0.96 26.77
C ALA A 46 17.40 -0.42 26.12
N MET A 47 16.91 -1.07 25.07
CA MET A 47 15.70 -0.62 24.33
C MET A 47 14.55 -1.59 24.46
N LYS A 48 14.73 -2.58 25.32
CA LYS A 48 13.65 -3.49 25.62
C LYS A 48 12.58 -2.83 26.44
N PRO A 49 11.38 -3.43 26.46
CA PRO A 49 10.20 -2.77 27.11
C PRO A 49 10.39 -2.57 28.60
N ASP A 50 11.11 -3.47 29.27
CA ASP A 50 11.32 -3.29 30.73
C ASP A 50 12.29 -2.11 31.02
N ALA A 51 13.13 -1.81 30.06
CA ALA A 51 14.09 -0.79 30.30
C ALA A 51 13.48 0.55 29.91
N LEU A 52 12.42 0.59 29.10
CA LEU A 52 11.96 1.86 28.59
C LEU A 52 10.66 2.27 29.24
N GLN A 53 9.89 1.31 29.73
CA GLN A 53 8.67 1.69 30.42
C GLN A 53 8.37 0.78 31.61
N PRO A 54 9.13 0.92 32.71
CA PRO A 54 9.04 -0.10 33.74
C PRO A 54 7.78 -0.05 34.56
N THR A 55 7.12 1.11 34.66
CA THR A 55 5.79 1.16 35.25
C THR A 55 4.87 2.00 34.36
N LYS A 56 3.56 1.79 34.51
CA LYS A 56 2.60 2.51 33.63
C LYS A 56 2.85 4.03 33.52
N GLY A 57 3.15 4.51 32.30
CA GLY A 57 3.21 5.96 31.98
C GLY A 57 4.57 6.56 32.27
N ASN A 58 5.43 5.71 32.77
CA ASN A 58 6.76 6.12 33.25
C ASN A 58 7.84 5.64 32.31
N PHE A 59 8.03 6.42 31.26
CA PHE A 59 9.09 6.23 30.32
C PHE A 59 10.46 6.69 30.79
N THR A 60 11.44 5.80 30.67
CA THR A 60 12.77 6.05 31.14
C THR A 60 13.73 5.90 29.95
N PHE A 61 14.05 7.01 29.29
CA PHE A 61 14.89 7.00 28.12
C PHE A 61 16.37 7.46 28.30
N THR A 62 16.77 7.84 29.52
CA THR A 62 18.10 8.45 29.73
C THR A 62 19.25 7.59 29.28
N ALA A 63 19.32 6.36 29.80
CA ALA A 63 20.41 5.43 29.45
C ALA A 63 20.39 5.09 27.98
N ALA A 64 19.22 4.71 27.43
CA ALA A 64 19.13 4.44 25.98
C ALA A 64 19.57 5.66 25.17
N ASP A 65 19.10 6.86 25.53
CA ASP A 65 19.52 8.08 24.79
C ASP A 65 21.03 8.25 24.80
N ALA A 66 21.64 8.02 25.96
CA ALA A 66 23.07 8.23 26.07
C ALA A 66 23.77 7.31 25.11
N MET A 67 23.30 6.07 25.03
CA MET A 67 23.98 5.12 24.24
C MET A 67 23.86 5.48 22.75
N ILE A 68 22.63 5.77 22.33
CA ILE A 68 22.39 6.02 20.96
C ILE A 68 23.07 7.32 20.47
N ASP A 69 23.04 8.38 21.27
CA ASP A 69 23.82 9.55 20.94
C ASP A 69 25.32 9.25 20.71
N LYS A 70 25.90 8.41 21.54
CA LYS A 70 27.31 8.08 21.38
C LYS A 70 27.63 7.25 20.11
N VAL A 71 26.77 6.28 19.81
CA VAL A 71 26.90 5.44 18.60
C VAL A 71 26.84 6.33 17.34
N LEU A 72 25.87 7.26 17.34
CA LEU A 72 25.71 8.22 16.25
C LEU A 72 26.90 9.14 16.11
N ALA A 73 27.32 9.69 17.25
CA ALA A 73 28.54 10.47 17.32
C ALA A 73 29.73 9.71 16.73
N GLU A 74 29.72 8.40 16.85
CA GLU A 74 30.87 7.62 16.40
C GLU A 74 30.82 7.21 14.93
N GLY A 75 29.80 7.66 14.20
CA GLY A 75 29.69 7.32 12.78
C GLY A 75 28.96 6.01 12.49
N MET A 76 28.30 5.43 13.50
CA MET A 76 27.59 4.19 13.24
C MET A 76 26.07 4.32 13.23
N LYS A 77 25.41 3.30 12.68
CA LYS A 77 23.95 3.30 12.63
C LYS A 77 23.36 2.48 13.78
N MET A 78 22.10 2.66 14.04
CA MET A 78 21.48 1.92 15.16
C MET A 78 20.25 1.18 14.66
N HIS A 79 20.10 -0.09 15.05
CA HIS A 79 18.92 -0.86 14.83
C HIS A 79 18.18 -0.94 16.18
N GLY A 80 16.89 -0.62 16.18
CA GLY A 80 16.07 -0.62 17.39
C GLY A 80 15.49 -1.98 17.74
N HIS A 81 15.73 -2.43 18.96
CA HIS A 81 15.27 -3.74 19.47
C HIS A 81 14.82 -3.62 20.98
N VAL A 82 13.54 -3.84 21.35
CA VAL A 82 12.45 -4.44 20.52
C VAL A 82 11.19 -3.84 21.12
N LEU A 83 10.17 -3.57 20.32
CA LEU A 83 8.98 -2.89 20.89
C LEU A 83 8.07 -3.80 21.65
N VAL A 84 7.96 -5.07 21.20
CA VAL A 84 6.92 -6.00 21.73
C VAL A 84 7.54 -7.36 21.92
N TRP A 85 7.51 -7.90 23.15
CA TRP A 85 8.07 -9.23 23.39
C TRP A 85 7.46 -9.79 24.64
N HIS A 86 7.49 -11.10 24.78
CA HIS A 86 6.94 -11.76 26.00
C HIS A 86 8.04 -11.95 27.06
N GLN A 87 9.27 -11.55 26.76
CA GLN A 87 10.29 -11.59 27.83
C GLN A 87 10.72 -10.10 28.09
N GLN A 88 11.34 -9.84 29.24
CA GLN A 88 11.87 -8.51 29.60
C GLN A 88 10.83 -7.42 29.30
N SER A 89 9.62 -7.70 29.78
CA SER A 89 8.45 -6.94 29.48
C SER A 89 7.69 -6.97 30.77
N PRO A 90 7.41 -5.79 31.30
CA PRO A 90 6.83 -5.66 32.62
C PRO A 90 5.38 -6.12 32.64
N ALA A 91 4.99 -6.72 33.73
CA ALA A 91 3.67 -7.32 33.86
C ALA A 91 2.51 -6.32 33.64
N TRP A 92 2.64 -5.05 34.06
CA TRP A 92 1.52 -4.11 34.07
C TRP A 92 0.99 -3.92 32.62
N LEU A 93 1.85 -4.11 31.58
CA LEU A 93 1.39 -3.90 30.21
C LEU A 93 0.13 -4.70 29.86
N ASN A 94 0.05 -5.95 30.36
CA ASN A 94 -0.95 -6.82 29.81
C ASN A 94 -1.62 -7.73 30.84
N THR A 95 -1.32 -7.51 32.13
CA THR A 95 -1.86 -8.36 33.16
C THR A 95 -2.14 -7.46 34.39
N LYS A 96 -2.85 -8.03 35.35
CA LYS A 96 -2.98 -7.42 36.65
C LYS A 96 -3.15 -8.54 37.69
N LYS A 97 -3.00 -8.23 38.96
CA LYS A 97 -3.25 -9.18 40.05
C LYS A 97 -4.69 -9.07 40.41
N ASP A 98 -5.41 -10.20 40.44
CA ASP A 98 -6.83 -10.26 40.88
C ASP A 98 -6.91 -10.16 42.42
N ASP A 99 -8.09 -10.29 42.99
CA ASP A 99 -8.22 -10.21 44.42
C ASP A 99 -7.47 -11.28 45.27
N ASN A 100 -7.02 -12.37 44.65
CA ASN A 100 -6.46 -13.52 45.44
C ASN A 100 -5.03 -13.80 44.94
N ASN A 101 -4.40 -12.73 44.46
CA ASN A 101 -2.98 -12.76 44.11
C ASN A 101 -2.66 -13.53 42.86
N ASN A 102 -3.65 -13.80 42.04
CA ASN A 102 -3.44 -14.49 40.75
C ASN A 102 -3.26 -13.42 39.69
N THR A 103 -2.30 -13.62 38.79
CA THR A 103 -2.06 -12.71 37.68
C THR A 103 -3.05 -13.10 36.56
N VAL A 104 -3.78 -12.16 35.96
CA VAL A 104 -4.85 -12.45 34.98
C VAL A 104 -4.65 -11.45 33.90
N PRO A 105 -5.04 -11.78 32.65
CA PRO A 105 -4.91 -10.84 31.51
C PRO A 105 -5.74 -9.62 31.76
N LEU A 106 -5.27 -8.47 31.30
CA LEU A 106 -6.13 -7.30 31.24
C LEU A 106 -7.15 -7.51 30.11
N GLY A 107 -8.25 -6.77 30.11
CA GLY A 107 -9.15 -6.73 28.90
C GLY A 107 -8.47 -6.26 27.65
N ARG A 108 -9.02 -6.63 26.49
CA ARG A 108 -8.49 -6.27 25.20
C ARG A 108 -8.40 -4.72 24.99
N ASP A 109 -9.43 -3.99 25.37
CA ASP A 109 -9.37 -2.53 25.16
C ASP A 109 -8.18 -1.85 25.91
N GLU A 110 -8.04 -2.21 27.19
CA GLU A 110 -6.96 -1.65 27.99
C GLU A 110 -5.58 -2.14 27.52
N ALA A 111 -5.46 -3.43 27.23
CA ALA A 111 -4.15 -3.92 26.79
C ALA A 111 -3.76 -3.36 25.43
N LEU A 112 -4.73 -3.16 24.54
CA LEU A 112 -4.47 -2.62 23.21
C LEU A 112 -4.02 -1.16 23.33
N ASP A 113 -4.68 -0.42 24.24
CA ASP A 113 -4.20 0.97 24.49
C ASP A 113 -2.73 1.00 24.99
N ASN A 114 -2.38 0.11 25.90
CA ASN A 114 -1.02 -0.01 26.43
C ASN A 114 -0.05 -0.39 25.37
N LEU A 115 -0.42 -1.39 24.57
CA LEU A 115 0.41 -1.78 23.45
C LEU A 115 0.68 -0.60 22.48
N ARG A 116 -0.38 0.13 22.13
CA ARG A 116 -0.23 1.17 21.11
C ARG A 116 0.58 2.38 21.70
N THR A 117 0.32 2.68 22.95
CA THR A 117 1.00 3.75 23.65
C THR A 117 2.48 3.49 23.82
N HIS A 118 2.85 2.26 24.14
CA HIS A 118 4.25 1.94 24.28
C HIS A 118 4.96 2.04 22.91
N ILE A 119 4.39 1.41 21.88
CA ILE A 119 5.02 1.48 20.55
C ILE A 119 5.23 2.93 20.10
N GLN A 120 4.13 3.70 20.12
CA GLN A 120 4.18 5.02 19.62
C GLN A 120 5.05 6.01 20.41
N THR A 121 5.02 5.95 21.76
CA THR A 121 5.84 6.85 22.57
C THR A 121 7.29 6.53 22.33
N VAL A 122 7.64 5.21 22.29
CA VAL A 122 9.05 4.85 22.04
C VAL A 122 9.50 5.32 20.65
N MET A 123 8.71 5.01 19.64
CA MET A 123 9.17 5.29 18.26
C MET A 123 9.32 6.80 18.06
N LYS A 124 8.43 7.57 18.66
CA LYS A 124 8.48 8.99 18.54
C LYS A 124 9.66 9.52 19.34
N HIS A 125 9.98 8.90 20.47
CA HIS A 125 11.06 9.48 21.26
C HIS A 125 12.39 9.36 20.48
N PHE A 126 12.65 8.23 19.83
CA PHE A 126 13.92 8.09 19.06
C PHE A 126 13.91 8.67 17.66
N GLY A 127 12.72 8.93 17.10
CA GLY A 127 12.63 9.49 15.76
C GLY A 127 13.51 8.82 14.75
N ASN A 128 14.23 9.62 13.98
CA ASN A 128 15.02 9.10 12.87
C ASN A 128 16.41 8.55 13.32
N LYS A 129 16.67 8.49 14.62
CA LYS A 129 17.95 7.92 15.12
C LYS A 129 18.17 6.42 14.90
N VAL A 130 17.11 5.69 14.55
CA VAL A 130 17.26 4.29 14.22
C VAL A 130 16.99 4.11 12.73
N ILE A 131 17.57 3.07 12.15
CA ILE A 131 17.33 2.78 10.74
C ILE A 131 16.19 1.76 10.56
N SER A 132 15.82 1.10 11.67
CA SER A 132 14.84 0.03 11.67
C SER A 132 14.41 -0.29 13.10
N TRP A 133 13.19 -0.79 13.26
CA TRP A 133 12.68 -1.36 14.51
C TRP A 133 12.24 -2.78 14.32
N ASP A 134 12.61 -3.64 15.29
CA ASP A 134 11.93 -4.96 15.51
C ASP A 134 10.69 -4.55 16.32
N VAL A 135 9.59 -4.56 15.63
CA VAL A 135 8.34 -4.22 16.26
C VAL A 135 7.90 -5.41 17.08
N VAL A 136 7.93 -6.62 16.50
CA VAL A 136 7.48 -7.77 17.24
C VAL A 136 8.53 -8.88 17.11
N ASN A 137 8.82 -9.52 18.22
CA ASN A 137 9.83 -10.56 18.35
C ASN A 137 9.22 -11.89 18.81
N GLU A 138 9.54 -13.01 18.12
CA GLU A 138 9.31 -14.33 18.68
C GLU A 138 7.84 -14.58 19.01
N ALA A 139 6.94 -14.25 18.12
CA ALA A 139 5.50 -14.44 18.37
C ALA A 139 5.04 -15.88 18.04
N MET A 140 5.82 -16.65 17.29
CA MET A 140 5.43 -18.01 16.81
C MET A 140 5.88 -19.14 17.70
N ASN A 141 5.06 -20.20 17.94
CA ASN A 141 5.58 -21.41 18.61
C ASN A 141 6.72 -22.06 17.83
N ASP A 142 7.60 -22.73 18.56
CA ASP A 142 8.57 -23.67 18.00
C ASP A 142 7.89 -24.89 17.39
N ASN A 143 8.37 -25.27 16.21
CA ASN A 143 7.87 -26.47 15.50
C ASN A 143 6.31 -26.55 15.63
N PRO A 144 5.60 -25.57 15.04
CA PRO A 144 4.13 -25.60 15.06
C PRO A 144 3.62 -26.80 14.20
N SER A 145 2.67 -27.59 14.72
CA SER A 145 2.15 -28.74 13.96
C SER A 145 1.22 -28.37 12.76
N ASN A 146 0.71 -27.15 12.73
CA ASN A 146 -0.22 -26.79 11.65
C ASN A 146 0.10 -25.43 11.01
N PRO A 147 1.23 -25.35 10.30
CA PRO A 147 1.64 -23.99 9.94
C PRO A 147 0.69 -23.36 8.90
N ALA A 148 -0.06 -24.17 8.14
CA ALA A 148 -1.19 -23.62 7.33
C ALA A 148 -2.09 -22.62 8.10
N ASP A 149 -2.14 -22.72 9.42
CA ASP A 149 -2.98 -21.81 10.21
C ASP A 149 -2.07 -21.00 11.11
N TYR A 150 -1.60 -19.89 10.61
CA TYR A 150 -0.66 -19.11 11.41
C TYR A 150 -1.24 -18.64 12.73
N LYS A 151 -2.51 -18.34 12.81
CA LYS A 151 -3.04 -17.80 14.12
C LYS A 151 -3.02 -18.89 15.16
N ALA A 152 -3.34 -20.09 14.75
CA ALA A 152 -3.29 -21.23 15.70
C ALA A 152 -1.83 -21.57 16.11
N SER A 153 -0.84 -21.09 15.34
CA SER A 153 0.56 -21.38 15.55
C SER A 153 1.26 -20.32 16.45
N LEU A 154 0.51 -19.28 16.88
CA LEU A 154 1.11 -18.20 17.64
C LEU A 154 1.38 -18.70 19.07
N ARG A 155 2.53 -18.31 19.62
CA ARG A 155 2.77 -18.58 20.99
C ARG A 155 1.70 -17.87 21.87
N GLN A 156 1.14 -18.56 22.81
CA GLN A 156 0.15 -18.00 23.70
C GLN A 156 0.73 -17.18 24.87
N THR A 157 1.35 -16.08 24.50
CA THR A 157 2.06 -15.30 25.44
C THR A 157 1.07 -14.36 26.11
N PRO A 158 1.58 -13.55 27.06
CA PRO A 158 0.66 -12.52 27.70
C PRO A 158 -0.08 -11.54 26.77
N TRP A 159 0.58 -10.99 25.73
CA TRP A 159 -0.11 -10.20 24.74
C TRP A 159 -1.20 -11.01 24.04
N TYR A 160 -0.86 -12.22 23.64
CA TYR A 160 -1.87 -13.06 23.01
C TYR A 160 -3.06 -13.22 23.94
N GLN A 161 -2.81 -13.56 25.20
CA GLN A 161 -3.96 -13.81 26.10
C GLN A 161 -4.83 -12.58 26.36
N ALA A 162 -4.27 -11.38 26.26
CA ALA A 162 -5.04 -10.16 26.54
C ALA A 162 -5.77 -9.69 25.26
N ILE A 163 -5.05 -9.74 24.12
CA ILE A 163 -5.54 -9.11 22.92
C ILE A 163 -6.11 -10.14 21.94
N GLY A 164 -5.46 -11.28 21.85
CA GLY A 164 -5.82 -12.36 20.87
C GLY A 164 -4.82 -12.33 19.71
N SER A 165 -5.04 -13.17 18.70
CA SER A 165 -4.08 -13.42 17.61
C SER A 165 -3.81 -12.20 16.68
N ASP A 166 -4.68 -11.19 16.76
CA ASP A 166 -4.42 -10.01 15.94
C ASP A 166 -3.48 -8.97 16.63
N TYR A 167 -2.87 -9.31 17.77
CA TYR A 167 -1.93 -8.34 18.42
C TYR A 167 -0.72 -8.09 17.56
N VAL A 168 -0.32 -9.06 16.75
CA VAL A 168 0.81 -8.84 15.88
C VAL A 168 0.45 -7.77 14.85
N GLU A 169 -0.65 -7.93 14.14
CA GLU A 169 -1.08 -6.93 13.17
C GLU A 169 -1.27 -5.54 13.82
N GLN A 170 -1.88 -5.50 14.99
CA GLN A 170 -2.15 -4.23 15.68
C GLN A 170 -0.85 -3.51 16.03
N ALA A 171 0.15 -4.26 16.47
CA ALA A 171 1.45 -3.71 16.81
C ALA A 171 2.05 -3.04 15.57
N PHE A 172 2.04 -3.74 14.45
CA PHE A 172 2.59 -3.14 13.24
C PHE A 172 1.77 -1.94 12.73
N LEU A 173 0.45 -2.01 12.83
CA LEU A 173 -0.40 -0.89 12.49
C LEU A 173 -0.09 0.35 13.35
N ALA A 174 0.09 0.16 14.68
CA ALA A 174 0.46 1.25 15.62
C ALA A 174 1.79 1.90 15.13
N ALA A 175 2.78 1.06 14.82
CA ALA A 175 4.06 1.54 14.35
C ALA A 175 3.96 2.20 13.00
N ARG A 176 3.17 1.63 12.11
CA ARG A 176 3.01 2.21 10.77
C ARG A 176 2.38 3.59 10.83
N GLU A 177 1.45 3.81 11.75
CA GLU A 177 0.86 5.12 11.88
C GLU A 177 1.88 6.17 12.21
N VAL A 178 2.80 5.83 13.11
CA VAL A 178 3.90 6.73 13.48
C VAL A 178 4.68 7.14 12.19
N LEU A 179 5.11 6.17 11.38
CA LEU A 179 5.83 6.47 10.09
C LEU A 179 5.04 7.28 9.08
N ASP A 180 3.74 7.00 8.93
CA ASP A 180 2.88 7.88 8.10
C ASP A 180 2.77 9.35 8.57
N GLU A 181 2.78 9.63 9.87
CA GLU A 181 2.77 11.03 10.37
C GLU A 181 4.13 11.75 10.26
N ASN A 182 5.19 10.98 10.04
CA ASN A 182 6.59 11.43 10.05
C ASN A 182 7.35 10.84 8.84
N PRO A 183 6.94 11.24 7.65
CA PRO A 183 7.49 10.63 6.41
C PRO A 183 8.98 11.01 6.17
N SER A 184 9.54 11.96 6.90
CA SER A 184 10.98 12.20 6.78
C SER A 184 11.85 11.11 7.44
N TRP A 185 11.28 10.27 8.30
CA TRP A 185 12.05 9.21 8.95
C TRP A 185 12.15 7.94 8.05
N ASN A 186 13.38 7.53 7.71
CA ASN A 186 13.62 6.32 6.91
C ASN A 186 13.82 5.08 7.83
N ILE A 187 12.75 4.36 8.13
CA ILE A 187 12.77 3.32 9.13
C ILE A 187 12.01 2.13 8.56
N LYS A 188 12.63 0.96 8.59
CA LYS A 188 12.00 -0.30 8.20
C LYS A 188 11.43 -1.00 9.42
N LEU A 189 10.26 -1.60 9.28
CA LEU A 189 9.60 -2.24 10.44
C LEU A 189 9.75 -3.76 10.20
N TYR A 190 10.31 -4.45 11.22
CA TYR A 190 10.63 -5.81 11.14
C TYR A 190 9.84 -6.66 12.10
N TYR A 191 9.64 -7.86 11.59
CA TYR A 191 9.20 -8.99 12.39
C TYR A 191 10.43 -9.96 12.61
N ASN A 192 10.70 -10.32 13.85
CA ASN A 192 11.95 -11.06 14.20
C ASN A 192 11.69 -12.42 14.88
N ASP A 193 12.36 -13.50 14.43
CA ASP A 193 12.14 -14.86 15.09
C ASP A 193 13.38 -15.72 14.99
N TYR A 194 13.37 -16.81 15.75
CA TYR A 194 14.53 -17.71 15.77
C TYR A 194 14.04 -19.06 15.32
N ASN A 195 15.00 -19.97 15.07
CA ASN A 195 14.70 -21.34 14.61
C ASN A 195 13.98 -21.24 13.28
N GLU A 196 14.29 -20.17 12.57
CA GLU A 196 13.73 -19.93 11.27
C GLU A 196 14.10 -21.00 10.24
N ASP A 197 15.10 -21.82 10.52
CA ASP A 197 15.52 -22.94 9.63
C ASP A 197 14.65 -24.19 9.94
N ASN A 198 13.80 -24.12 10.97
CA ASN A 198 12.73 -25.16 11.08
C ASN A 198 11.64 -24.84 10.06
N GLN A 199 11.39 -25.73 9.09
CA GLN A 199 10.53 -25.43 7.91
C GLN A 199 9.02 -25.20 8.30
N ASN A 200 8.52 -25.87 9.34
CA ASN A 200 7.18 -25.56 9.83
C ASN A 200 7.07 -24.13 10.37
N LYS A 201 8.08 -23.72 11.12
CA LYS A 201 8.05 -22.39 11.73
C LYS A 201 8.20 -21.36 10.59
N ALA A 202 9.08 -21.61 9.62
CA ALA A 202 9.28 -20.64 8.56
C ALA A 202 8.00 -20.48 7.77
N THR A 203 7.33 -21.60 7.52
CA THR A 203 6.05 -21.60 6.91
C THR A 203 4.98 -20.85 7.72
N ALA A 204 4.82 -21.11 9.02
CA ALA A 204 3.89 -20.35 9.78
C ALA A 204 4.21 -18.81 9.68
N ILE A 205 5.49 -18.42 9.72
CA ILE A 205 5.86 -16.98 9.70
C ILE A 205 5.56 -16.38 8.34
N TYR A 206 5.89 -17.13 7.30
CA TYR A 206 5.57 -16.68 5.98
C TYR A 206 4.03 -16.48 5.79
N ASN A 207 3.22 -17.41 6.27
CA ASN A 207 1.78 -17.28 6.11
C ASN A 207 1.22 -16.09 6.91
N MET A 208 1.84 -15.78 8.03
CA MET A 208 1.39 -14.67 8.86
C MET A 208 1.70 -13.35 8.17
N VAL A 209 2.92 -13.22 7.71
CA VAL A 209 3.34 -12.03 7.03
C VAL A 209 2.55 -11.83 5.77
N LYS A 210 2.35 -12.87 5.02
CA LYS A 210 1.64 -12.74 3.74
C LYS A 210 0.20 -12.27 3.93
N ASP A 211 -0.47 -12.86 4.90
CA ASP A 211 -1.84 -12.47 5.19
C ASP A 211 -1.90 -11.02 5.68
N ILE A 212 -0.97 -10.62 6.54
CA ILE A 212 -1.01 -9.29 7.08
C ILE A 212 -0.65 -8.25 5.97
N ASN A 213 0.44 -8.51 5.25
CA ASN A 213 0.77 -7.65 4.10
C ASN A 213 -0.26 -7.52 2.96
N ASP A 214 -0.85 -8.64 2.57
CA ASP A 214 -1.84 -8.64 1.55
C ASP A 214 -3.05 -7.73 1.84
N ARG A 215 -3.60 -7.83 3.05
CA ARG A 215 -4.77 -7.08 3.43
C ARG A 215 -4.43 -5.59 3.49
N TYR A 216 -3.25 -5.28 4.02
CA TYR A 216 -2.76 -3.93 4.04
C TYR A 216 -2.52 -3.33 2.63
N ALA A 217 -1.69 -4.02 1.84
CA ALA A 217 -1.48 -3.74 0.44
C ALA A 217 -2.77 -3.44 -0.38
N ALA A 218 -3.78 -4.29 -0.25
CA ALA A 218 -5.05 -4.10 -0.98
C ALA A 218 -5.77 -2.81 -0.59
N ALA A 219 -5.64 -2.37 0.66
CA ALA A 219 -6.22 -1.08 1.12
C ALA A 219 -5.33 0.20 0.95
N HIS A 220 -4.05 0.02 0.63
CA HIS A 220 -3.10 1.13 0.66
C HIS A 220 -2.25 1.05 -0.61
N ASN A 221 -2.88 0.71 -1.73
CA ASN A 221 -2.19 0.73 -3.03
C ASN A 221 -0.77 0.08 -3.05
N GLY A 222 -0.68 -1.11 -2.44
CA GLY A 222 0.52 -1.96 -2.54
C GLY A 222 1.67 -1.76 -1.53
N LYS A 223 1.55 -0.74 -0.67
CA LYS A 223 2.52 -0.50 0.40
C LYS A 223 2.54 -1.68 1.43
N LEU A 224 3.73 -2.09 1.91
CA LEU A 224 3.89 -3.19 2.93
C LEU A 224 3.68 -2.64 4.31
N LEU A 225 3.02 -3.40 5.14
CA LEU A 225 2.89 -3.05 6.51
C LEU A 225 4.19 -3.52 7.26
N ILE A 226 4.56 -4.78 7.04
CA ILE A 226 5.83 -5.37 7.49
C ILE A 226 6.91 -5.26 6.39
N ASP A 227 7.98 -4.50 6.63
CA ASP A 227 9.03 -4.22 5.62
C ASP A 227 10.09 -5.36 5.57
N GLY A 228 10.26 -6.05 6.66
CA GLY A 228 11.40 -6.93 6.88
C GLY A 228 11.05 -8.11 7.74
N VAL A 229 11.74 -9.23 7.45
CA VAL A 229 11.77 -10.33 8.37
C VAL A 229 13.21 -10.50 8.86
N GLY A 230 13.34 -10.62 10.17
CA GLY A 230 14.60 -10.88 10.81
C GLY A 230 14.77 -12.33 11.18
N MET A 231 15.81 -12.92 10.64
CA MET A 231 16.20 -14.29 11.10
C MET A 231 17.21 -14.05 12.18
N GLN A 232 16.93 -14.53 13.38
CA GLN A 232 17.86 -14.36 14.45
C GLN A 232 19.20 -15.06 14.23
N GLY A 233 19.20 -16.25 13.63
CA GLY A 233 20.50 -16.90 13.38
C GLY A 233 21.18 -17.46 14.62
N HIS A 234 20.42 -17.94 15.61
CA HIS A 234 20.99 -18.74 16.70
C HIS A 234 21.29 -20.15 16.19
N TYR A 235 22.41 -20.28 15.48
CA TYR A 235 22.72 -21.55 14.87
C TYR A 235 23.65 -22.43 15.71
N ASN A 236 23.84 -23.66 15.28
CA ASN A 236 24.83 -24.50 15.90
C ASN A 236 25.53 -25.27 14.84
N ILE A 237 26.64 -25.95 15.20
CA ILE A 237 27.49 -26.56 14.21
C ILE A 237 26.80 -27.67 13.43
N ASN A 238 25.64 -28.10 13.91
CA ASN A 238 24.88 -29.09 13.19
C ASN A 238 23.74 -28.51 12.35
N THR A 239 23.56 -27.18 12.39
CA THR A 239 22.56 -26.49 11.55
C THR A 239 22.73 -26.84 10.07
N ASN A 240 21.68 -27.36 9.45
CA ASN A 240 21.71 -27.68 8.01
C ASN A 240 21.58 -26.43 7.13
N PRO A 241 22.63 -26.15 6.32
CA PRO A 241 22.62 -24.91 5.54
C PRO A 241 21.58 -24.85 4.39
N ASP A 242 21.20 -26.00 3.82
CA ASP A 242 20.08 -26.08 2.86
C ASP A 242 18.71 -25.69 3.51
N ASN A 243 18.57 -25.93 4.81
CA ASN A 243 17.37 -25.49 5.52
C ASN A 243 17.35 -24.00 5.64
N VAL A 244 18.50 -23.42 5.97
CA VAL A 244 18.59 -21.96 6.08
C VAL A 244 18.32 -21.33 4.70
N LYS A 245 18.88 -21.86 3.60
CA LYS A 245 18.52 -21.40 2.24
C LYS A 245 17.01 -21.49 1.90
N LEU A 246 16.37 -22.66 2.13
CA LEU A 246 14.93 -22.76 1.89
C LEU A 246 14.16 -21.64 2.61
N SER A 247 14.54 -21.39 3.85
CA SER A 247 13.81 -20.41 4.65
C SER A 247 14.04 -19.01 4.15
N LEU A 248 15.27 -18.72 3.77
CA LEU A 248 15.63 -17.40 3.29
C LEU A 248 14.94 -17.13 1.95
N GLU A 249 14.95 -18.10 1.04
CA GLU A 249 14.30 -17.92 -0.25
C GLU A 249 12.77 -17.73 -0.05
N LYS A 250 12.25 -18.46 0.91
CA LYS A 250 10.86 -18.34 1.27
C LYS A 250 10.54 -16.91 1.78
N PHE A 251 11.36 -16.40 2.69
CA PHE A 251 11.08 -15.03 3.15
C PHE A 251 11.27 -13.97 2.05
N ILE A 252 12.29 -14.12 1.23
CA ILE A 252 12.45 -13.23 0.06
C ILE A 252 11.24 -13.15 -0.88
N SER A 253 10.57 -14.27 -1.13
CA SER A 253 9.39 -14.31 -2.01
C SER A 253 8.17 -13.47 -1.48
N LEU A 254 8.22 -12.99 -0.24
CA LEU A 254 7.21 -12.08 0.24
C LEU A 254 7.48 -10.64 -0.23
N GLY A 255 8.61 -10.39 -0.87
CA GLY A 255 8.98 -9.04 -1.28
C GLY A 255 9.38 -8.18 -0.05
N VAL A 256 9.68 -8.81 1.08
CA VAL A 256 10.20 -8.06 2.24
C VAL A 256 11.72 -8.05 2.09
N GLU A 257 12.39 -7.10 2.71
CA GLU A 257 13.82 -7.30 2.92
C GLU A 257 14.05 -8.29 4.05
N VAL A 258 15.25 -8.82 4.12
CA VAL A 258 15.59 -9.81 5.12
C VAL A 258 16.85 -9.35 5.86
N SER A 259 16.89 -9.61 7.17
CA SER A 259 18.13 -9.38 7.92
C SER A 259 18.43 -10.54 8.85
N VAL A 260 19.70 -10.66 9.22
CA VAL A 260 20.13 -11.64 10.18
C VAL A 260 20.51 -10.85 11.42
N SER A 261 19.78 -11.11 12.52
CA SER A 261 19.80 -10.15 13.62
C SER A 261 20.65 -10.55 14.82
N GLU A 262 20.93 -11.84 15.05
CA GLU A 262 21.67 -12.27 16.25
C GLU A 262 22.61 -13.46 15.98
N LEU A 263 23.32 -13.37 14.87
CA LEU A 263 24.09 -14.46 14.38
C LEU A 263 25.12 -14.95 15.40
N ASP A 264 25.08 -16.25 15.64
CA ASP A 264 26.08 -16.90 16.44
C ASP A 264 26.06 -18.41 16.13
N VAL A 265 27.19 -19.09 16.24
CA VAL A 265 27.21 -20.52 16.02
C VAL A 265 27.80 -21.13 17.25
N THR A 266 26.98 -21.82 17.99
CA THR A 266 27.39 -22.49 19.20
C THR A 266 27.59 -23.99 18.93
N ALA A 267 28.07 -24.73 19.93
CA ALA A 267 28.19 -26.19 19.85
C ALA A 267 26.81 -26.84 19.85
N GLY A 268 26.70 -28.01 19.22
CA GLY A 268 25.44 -28.79 19.22
C GLY A 268 24.49 -28.56 20.41
N LEU A 277 33.51 -27.33 18.27
CA LEU A 277 34.78 -27.12 17.62
C LEU A 277 34.82 -25.81 16.81
N ALA A 278 35.97 -25.15 16.90
CA ALA A 278 36.24 -23.92 16.17
C ALA A 278 36.10 -24.19 14.67
N VAL A 279 36.57 -25.38 14.27
CA VAL A 279 36.53 -25.78 12.87
C VAL A 279 35.10 -25.85 12.37
N GLY A 280 34.22 -26.47 13.15
CA GLY A 280 32.82 -26.59 12.77
C GLY A 280 32.10 -25.26 12.60
N GLN A 281 32.54 -24.25 13.34
CA GLN A 281 31.99 -22.90 13.17
C GLN A 281 32.39 -22.34 11.81
N ALA A 282 33.70 -22.46 11.51
CA ALA A 282 34.26 -21.95 10.28
C ALA A 282 33.54 -22.59 9.11
N TYR A 283 33.25 -23.89 9.19
CA TYR A 283 32.54 -24.58 8.11
C TYR A 283 31.22 -23.82 7.87
N LEU A 284 30.48 -23.60 8.95
CA LEU A 284 29.15 -23.02 8.83
C LEU A 284 29.15 -21.50 8.52
N TYR A 285 30.07 -20.73 9.09
CA TYR A 285 30.13 -19.29 8.82
C TYR A 285 30.41 -19.00 7.34
N ALA A 286 31.25 -19.83 6.75
CA ALA A 286 31.54 -19.74 5.32
C ALA A 286 30.35 -20.12 4.45
N GLN A 287 29.67 -21.24 4.77
CA GLN A 287 28.44 -21.61 4.05
C GLN A 287 27.42 -20.47 4.19
N LEU A 288 27.26 -19.90 5.37
CA LEU A 288 26.28 -18.79 5.54
C LEU A 288 26.61 -17.52 4.76
N PHE A 289 27.83 -17.05 4.94
CA PHE A 289 28.25 -15.88 4.18
C PHE A 289 28.20 -16.07 2.68
N LYS A 290 28.39 -17.31 2.23
CA LYS A 290 28.26 -17.59 0.80
C LYS A 290 26.84 -17.36 0.38
N LEU A 291 25.93 -17.94 1.15
CA LEU A 291 24.52 -17.80 0.93
C LEU A 291 24.03 -16.35 1.02
N TYR A 292 24.54 -15.57 1.96
CA TYR A 292 24.18 -14.17 1.96
C TYR A 292 24.64 -13.39 0.76
N LYS A 293 25.93 -13.54 0.41
CA LYS A 293 26.43 -12.87 -0.76
C LYS A 293 25.50 -13.16 -1.93
N GLU A 294 25.10 -14.43 -2.11
CA GLU A 294 24.20 -14.82 -3.19
C GLU A 294 22.87 -14.05 -3.17
N HIS A 295 22.39 -13.70 -1.99
CA HIS A 295 21.12 -12.99 -1.95
C HIS A 295 21.22 -11.57 -1.45
N ALA A 296 22.39 -10.95 -1.58
CA ALA A 296 22.67 -9.64 -0.96
C ALA A 296 21.71 -8.53 -1.39
N ASP A 297 21.09 -8.70 -2.56
CA ASP A 297 20.10 -7.71 -3.01
C ASP A 297 18.91 -7.65 -2.03
N HIS A 298 18.74 -8.67 -1.22
CA HIS A 298 17.53 -8.74 -0.40
C HIS A 298 17.80 -8.67 1.08
N ILE A 299 19.06 -8.63 1.44
CA ILE A 299 19.47 -8.68 2.82
C ILE A 299 20.03 -7.26 3.21
N ALA A 300 19.49 -6.60 4.22
CA ALA A 300 19.92 -5.22 4.53
C ALA A 300 21.11 -5.20 5.51
N ARG A 301 21.14 -6.19 6.39
CA ARG A 301 22.03 -6.23 7.54
C ARG A 301 22.30 -7.67 7.97
N VAL A 302 23.52 -7.94 8.39
CA VAL A 302 23.87 -9.14 9.10
C VAL A 302 24.59 -8.70 10.40
N THR A 303 23.98 -8.99 11.54
CA THR A 303 24.44 -8.58 12.88
C THR A 303 24.80 -9.83 13.71
N PHE A 304 25.99 -9.85 14.27
CA PHE A 304 26.44 -10.88 15.19
C PHE A 304 25.97 -10.54 16.59
N TRP A 305 25.71 -11.57 17.41
CA TRP A 305 25.39 -11.25 18.80
C TRP A 305 26.59 -11.51 19.75
N ALA B 5 14.96 7.93 -23.87
CA ALA B 5 13.80 8.63 -24.53
C ALA B 5 12.53 8.64 -23.65
N PRO B 6 11.85 9.80 -23.56
CA PRO B 6 10.67 9.86 -22.71
C PRO B 6 9.43 9.36 -23.47
N LEU B 7 8.59 8.61 -22.75
CA LEU B 7 7.38 8.06 -23.33
C LEU B 7 6.61 9.14 -24.08
N LYS B 8 6.41 10.25 -23.38
CA LYS B 8 5.80 11.45 -23.90
C LYS B 8 6.27 11.87 -25.34
N ASP B 9 7.56 11.75 -25.62
CA ASP B 9 8.12 12.08 -26.95
C ASP B 9 7.84 11.03 -28.00
N VAL B 10 7.88 9.78 -27.58
CA VAL B 10 7.68 8.65 -28.47
C VAL B 10 6.24 8.65 -29.02
N TYR B 11 5.26 8.90 -28.16
CA TYR B 11 3.86 8.94 -28.58
C TYR B 11 3.22 10.35 -28.83
N LYS B 12 4.06 11.34 -29.11
CA LYS B 12 3.64 12.73 -29.32
C LYS B 12 2.46 12.91 -30.30
N ASN B 13 2.53 12.25 -31.46
CA ASN B 13 1.48 12.39 -32.45
C ASN B 13 0.32 11.38 -32.24
N ASP B 14 0.37 10.59 -31.14
CA ASP B 14 -0.48 9.38 -30.94
C ASP B 14 -1.49 9.57 -29.78
N PHE B 15 -0.98 9.81 -28.59
CA PHE B 15 -1.87 10.05 -27.45
C PHE B 15 -1.09 10.66 -26.33
N LEU B 16 -1.81 11.22 -25.37
CA LEU B 16 -1.20 11.82 -24.19
C LEU B 16 -0.68 10.73 -23.31
N ILE B 17 0.50 10.93 -22.70
CA ILE B 17 1.00 9.96 -21.71
C ILE B 17 0.76 10.50 -20.32
N GLY B 18 0.10 9.73 -19.47
CA GLY B 18 -0.28 10.31 -18.17
C GLY B 18 0.13 9.52 -16.94
N ASN B 19 -0.06 10.14 -15.79
CA ASN B 19 0.25 9.45 -14.53
C ASN B 19 -0.70 9.84 -13.43
N ALA B 20 -0.97 8.93 -12.52
CA ALA B 20 -1.76 9.26 -11.34
C ALA B 20 -0.83 9.76 -10.20
N ILE B 21 -1.23 10.84 -9.55
CA ILE B 21 -0.33 11.43 -8.55
C ILE B 21 -1.04 11.79 -7.25
N SER B 22 -0.24 12.09 -6.24
CA SER B 22 -0.68 12.65 -4.97
C SER B 22 0.01 14.03 -4.75
N ALA B 23 -0.37 14.73 -3.69
CA ALA B 23 0.37 15.93 -3.21
C ALA B 23 1.91 15.79 -3.07
N GLU B 24 2.43 14.71 -2.46
CA GLU B 24 3.91 14.55 -2.36
C GLU B 24 4.64 14.32 -3.72
N ASP B 25 3.97 13.84 -4.76
CA ASP B 25 4.50 14.07 -6.11
C ASP B 25 4.47 15.61 -6.27
N LEU B 26 5.00 16.23 -7.31
CA LEU B 26 4.87 17.73 -7.33
C LEU B 26 5.85 18.50 -6.42
N GLU B 27 6.75 17.79 -5.75
CA GLU B 27 7.80 18.37 -4.92
C GLU B 27 9.11 17.87 -5.47
N GLY B 28 10.11 18.74 -5.54
CA GLY B 28 11.51 18.36 -5.76
C GLY B 28 11.78 17.22 -6.72
N THR B 29 12.38 16.12 -6.20
CA THR B 29 12.83 14.95 -6.98
C THR B 29 11.74 14.37 -7.88
N ARG B 30 10.60 14.05 -7.28
CA ARG B 30 9.49 13.47 -8.03
C ARG B 30 8.84 14.41 -9.05
N LEU B 31 8.92 15.71 -8.79
CA LEU B 31 8.32 16.69 -9.72
C LEU B 31 9.01 16.71 -11.10
N GLU B 32 10.34 16.69 -11.13
CA GLU B 32 11.04 16.68 -12.42
C GLU B 32 10.88 15.41 -13.25
N LEU B 33 10.81 14.25 -12.58
CA LEU B 33 10.52 12.99 -13.28
C LEU B 33 9.10 13.01 -13.82
N LEU B 34 8.18 13.55 -13.03
CA LEU B 34 6.84 13.70 -13.49
C LEU B 34 6.77 14.49 -14.81
N LYS B 35 7.34 15.68 -14.85
CA LYS B 35 7.25 16.53 -16.06
C LYS B 35 7.98 15.94 -17.25
N MET B 36 9.15 15.38 -17.00
CA MET B 36 9.95 14.80 -18.05
C MET B 36 9.18 13.74 -18.79
N HIS B 37 8.41 12.91 -18.10
CA HIS B 37 7.85 11.75 -18.77
C HIS B 37 6.38 11.83 -19.20
N HIS B 38 5.63 12.82 -18.72
CA HIS B 38 4.15 12.78 -18.72
C HIS B 38 3.59 14.08 -19.16
N ASP B 39 2.49 14.05 -19.88
CA ASP B 39 1.86 15.30 -20.40
C ASP B 39 0.61 15.63 -19.60
N VAL B 40 0.08 14.61 -18.95
CA VAL B 40 -1.21 14.74 -18.27
C VAL B 40 -1.18 14.02 -16.91
N VAL B 41 -1.94 14.49 -15.93
CA VAL B 41 -1.99 13.81 -14.60
C VAL B 41 -3.41 13.61 -14.15
N THR B 42 -3.65 12.63 -13.27
CA THR B 42 -4.92 12.40 -12.66
C THR B 42 -4.67 12.51 -11.17
N ALA B 43 -5.57 13.13 -10.42
CA ALA B 43 -5.36 13.04 -8.95
C ALA B 43 -5.83 11.68 -8.52
N GLY B 44 -4.95 10.99 -7.79
CA GLY B 44 -5.30 9.77 -7.21
C GLY B 44 -6.47 9.77 -6.24
N ASN B 45 -6.50 10.73 -5.32
CA ASN B 45 -7.56 10.80 -4.32
C ASN B 45 -8.24 12.14 -4.19
N ALA B 46 -7.52 13.23 -4.51
CA ALA B 46 -7.99 14.58 -4.21
C ALA B 46 -9.29 15.09 -4.84
N MET B 47 -9.81 14.43 -5.90
CA MET B 47 -11.02 14.88 -6.61
C MET B 47 -12.18 13.89 -6.45
N LYS B 48 -11.98 12.90 -5.61
CA LYS B 48 -13.08 11.96 -5.28
C LYS B 48 -14.16 12.63 -4.49
N PRO B 49 -15.38 12.06 -4.53
CA PRO B 49 -16.57 12.72 -3.88
C PRO B 49 -16.36 12.94 -2.39
N ASP B 50 -15.63 12.05 -1.72
CA ASP B 50 -15.40 12.21 -0.26
C ASP B 50 -14.44 13.40 0.04
N ALA B 51 -13.59 13.70 -0.93
CA ALA B 51 -12.61 14.68 -0.65
C ALA B 51 -13.25 16.03 -1.02
N LEU B 52 -14.27 16.08 -1.89
CA LEU B 52 -14.78 17.34 -2.35
C LEU B 52 -16.10 17.72 -1.69
N GLN B 53 -16.85 16.75 -1.15
CA GLN B 53 -18.08 17.18 -0.49
C GLN B 53 -18.36 16.31 0.70
N PRO B 54 -17.57 16.43 1.77
CA PRO B 54 -17.66 15.44 2.82
C PRO B 54 -18.97 15.46 3.61
N THR B 55 -19.62 16.60 3.72
CA THR B 55 -20.94 16.68 4.33
C THR B 55 -21.85 17.51 3.41
N LYS B 56 -23.16 17.34 3.57
CA LYS B 56 -24.12 18.04 2.68
C LYS B 56 -23.86 19.56 2.57
N GLY B 57 -23.60 20.06 1.35
CA GLY B 57 -23.52 21.50 1.02
C GLY B 57 -22.16 22.11 1.31
N ASN B 58 -21.26 21.24 1.72
CA ASN B 58 -19.97 21.69 2.19
C ASN B 58 -18.88 21.27 1.24
N PHE B 59 -18.69 22.06 0.19
CA PHE B 59 -17.64 21.82 -0.76
C PHE B 59 -16.25 22.21 -0.23
N THR B 60 -15.31 21.27 -0.28
CA THR B 60 -13.97 21.49 0.20
C THR B 60 -12.99 21.40 -0.99
N PHE B 61 -12.72 22.52 -1.64
CA PHE B 61 -11.84 22.51 -2.82
C PHE B 61 -10.37 22.95 -2.63
N THR B 62 -9.99 23.35 -1.43
CA THR B 62 -8.66 24.00 -1.24
C THR B 62 -7.49 23.15 -1.70
N ALA B 63 -7.42 21.92 -1.17
CA ALA B 63 -6.34 20.98 -1.49
C ALA B 63 -6.35 20.61 -2.95
N ALA B 64 -7.52 20.26 -3.52
CA ALA B 64 -7.61 19.92 -4.94
C ALA B 64 -7.15 21.12 -5.78
N ASP B 65 -7.60 22.33 -5.43
CA ASP B 65 -7.17 23.56 -6.18
C ASP B 65 -5.68 23.76 -6.16
N ALA B 66 -5.08 23.55 -5.00
CA ALA B 66 -3.64 23.76 -4.90
C ALA B 66 -2.93 22.84 -5.87
N MET B 67 -3.39 21.59 -5.92
CA MET B 67 -2.71 20.63 -6.73
C MET B 67 -2.85 20.99 -8.21
N ILE B 68 -4.08 21.29 -8.58
CA ILE B 68 -4.35 21.51 -9.95
C ILE B 68 -3.67 22.79 -10.46
N ASP B 69 -3.68 23.88 -9.66
CA ASP B 69 -2.91 25.04 -10.01
C ASP B 69 -1.40 24.74 -10.21
N LYS B 70 -0.83 23.96 -9.34
CA LYS B 70 0.58 23.59 -9.51
C LYS B 70 0.83 22.76 -10.80
N VAL B 71 -0.04 21.81 -11.09
CA VAL B 71 0.11 20.97 -12.29
C VAL B 71 0.10 21.87 -13.57
N LEU B 72 -0.86 22.82 -13.59
CA LEU B 72 -1.02 23.71 -14.74
C LEU B 72 0.17 24.64 -14.86
N ALA B 73 0.59 25.17 -13.72
CA ALA B 73 1.78 25.98 -13.66
C ALA B 73 2.97 25.21 -14.23
N GLU B 74 2.95 23.88 -14.12
CA GLU B 74 4.10 23.11 -14.58
C GLU B 74 4.07 22.71 -16.06
N GLY B 75 3.06 23.14 -16.80
CA GLY B 75 2.97 22.79 -18.22
C GLY B 75 2.21 21.49 -18.49
N MET B 76 1.58 20.92 -17.48
CA MET B 76 0.83 19.67 -17.71
C MET B 76 -0.67 19.83 -17.70
N LYS B 77 -1.34 18.84 -18.30
CA LYS B 77 -2.80 18.82 -18.33
C LYS B 77 -3.37 18.00 -17.18
N MET B 78 -4.64 18.17 -16.93
CA MET B 78 -5.26 17.47 -15.82
C MET B 78 -6.51 16.72 -16.30
N HIS B 79 -6.63 15.45 -15.86
CA HIS B 79 -7.81 14.67 -16.11
C HIS B 79 -8.56 14.59 -14.76
N GLY B 80 -9.85 14.89 -14.74
CA GLY B 80 -10.70 14.85 -13.52
C GLY B 80 -11.26 13.49 -13.20
N HIS B 81 -10.99 13.01 -11.98
CA HIS B 81 -11.41 11.70 -11.46
C HIS B 81 -11.89 11.89 -9.96
N VAL B 82 -13.17 11.69 -9.62
CA VAL B 82 -14.26 11.06 -10.43
C VAL B 82 -15.54 11.65 -9.83
N LEU B 83 -16.53 11.95 -10.63
CA LEU B 83 -17.69 12.65 -10.06
C LEU B 83 -18.61 11.75 -9.32
N VAL B 84 -18.74 10.51 -9.80
CA VAL B 84 -19.78 9.57 -9.25
C VAL B 84 -19.19 8.23 -9.07
N TRP B 85 -19.25 7.65 -7.83
CA TRP B 85 -18.67 6.34 -7.59
C TRP B 85 -19.29 5.75 -6.33
N HIS B 86 -19.24 4.44 -6.20
CA HIS B 86 -19.77 3.81 -4.96
C HIS B 86 -18.67 3.58 -3.91
N GLN B 87 -17.46 3.99 -4.20
CA GLN B 87 -16.42 3.94 -3.15
C GLN B 87 -16.03 5.41 -2.87
N GLN B 88 -15.42 5.66 -1.71
CA GLN B 88 -14.85 6.96 -1.32
C GLN B 88 -15.91 8.04 -1.62
N SER B 89 -17.11 7.76 -1.15
CA SER B 89 -18.25 8.56 -1.48
C SER B 89 -19.04 8.60 -0.19
N PRO B 90 -19.29 9.83 0.30
CA PRO B 90 -19.88 9.91 1.64
C PRO B 90 -21.33 9.40 1.70
N ALA B 91 -21.73 8.80 2.78
CA ALA B 91 -23.05 8.20 2.93
C ALA B 91 -24.23 9.16 2.72
N TRP B 92 -24.12 10.46 3.10
CA TRP B 92 -25.26 11.39 3.09
C TRP B 92 -25.79 11.61 1.65
N LEU B 93 -24.92 11.44 0.64
CA LEU B 93 -25.37 11.64 -0.74
C LEU B 93 -26.64 10.84 -1.10
N ASN B 94 -26.71 9.57 -0.65
CA ASN B 94 -27.71 8.69 -1.19
C ASN B 94 -28.36 7.77 -0.15
N THR B 95 -28.01 7.99 1.13
CA THR B 95 -28.57 7.17 2.18
C THR B 95 -28.85 8.05 3.42
N LYS B 96 -29.59 7.50 4.36
CA LYS B 96 -29.71 8.09 5.68
C LYS B 96 -29.88 6.97 6.72
N LYS B 97 -29.76 7.31 7.99
CA LYS B 97 -30.00 6.38 9.10
C LYS B 97 -31.44 6.51 9.50
N ASP B 98 -32.16 5.39 9.59
CA ASP B 98 -33.58 5.32 10.01
C ASP B 98 -33.66 5.36 11.55
N ASP B 99 -34.85 5.24 12.11
CA ASP B 99 -34.95 5.34 13.56
C ASP B 99 -34.23 4.23 14.38
N ASN B 100 -33.75 3.16 13.74
CA ASN B 100 -33.23 1.98 14.50
C ASN B 100 -31.80 1.68 14.00
N ASN B 101 -31.16 2.74 13.47
CA ASN B 101 -29.76 2.72 13.08
C ASN B 101 -29.43 1.97 11.80
N ASN B 102 -30.42 1.74 10.95
CA ASN B 102 -30.16 1.14 9.63
C ASN B 102 -29.94 2.21 8.57
N THR B 103 -28.88 2.08 7.77
CA THR B 103 -28.66 2.94 6.60
C THR B 103 -29.68 2.48 5.57
N VAL B 104 -30.54 3.37 5.07
CA VAL B 104 -31.57 3.01 4.13
C VAL B 104 -31.42 4.01 3.04
N PRO B 105 -31.84 3.67 1.81
CA PRO B 105 -31.68 4.61 0.68
C PRO B 105 -32.52 5.83 0.88
N LEU B 106 -32.03 6.94 0.39
CA LEU B 106 -32.85 8.16 0.29
C LEU B 106 -33.86 7.99 -0.87
N GLY B 107 -34.94 8.77 -0.86
CA GLY B 107 -35.87 8.81 -2.01
C GLY B 107 -35.19 9.27 -3.29
N ARG B 108 -35.75 8.88 -4.42
CA ARG B 108 -35.22 9.29 -5.72
C ARG B 108 -35.13 10.84 -5.94
N ASP B 109 -36.16 11.58 -5.58
CA ASP B 109 -36.11 13.04 -5.85
C ASP B 109 -34.91 13.69 -5.09
N GLU B 110 -34.76 13.31 -3.82
CA GLU B 110 -33.70 13.85 -2.99
C GLU B 110 -32.30 13.35 -3.43
N ALA B 111 -32.17 12.09 -3.77
CA ALA B 111 -30.87 11.59 -4.18
C ALA B 111 -30.46 12.16 -5.55
N LEU B 112 -31.44 12.36 -6.43
CA LEU B 112 -31.20 12.92 -7.77
C LEU B 112 -30.73 14.37 -7.63
N ASP B 113 -31.39 15.12 -6.74
CA ASP B 113 -30.93 16.48 -6.43
C ASP B 113 -29.48 16.46 -5.91
N ASN B 114 -29.14 15.54 -5.02
CA ASN B 114 -27.77 15.46 -4.46
C ASN B 114 -26.79 15.10 -5.54
N LEU B 115 -27.16 14.18 -6.43
CA LEU B 115 -26.33 13.79 -7.52
C LEU B 115 -26.04 14.96 -8.51
N ARG B 116 -27.09 15.67 -8.93
CA ARG B 116 -26.97 16.75 -9.89
C ARG B 116 -26.18 17.90 -9.24
N THR B 117 -26.48 18.20 -7.97
CA THR B 117 -25.75 19.24 -7.26
C THR B 117 -24.26 18.97 -7.12
N HIS B 118 -23.87 17.74 -6.81
CA HIS B 118 -22.45 17.43 -6.73
C HIS B 118 -21.76 17.57 -8.11
N ILE B 119 -22.31 16.96 -9.15
CA ILE B 119 -21.70 17.05 -10.44
C ILE B 119 -21.49 18.51 -10.89
N GLN B 120 -22.59 19.29 -10.86
CA GLN B 120 -22.59 20.60 -11.38
C GLN B 120 -21.70 21.55 -10.58
N THR B 121 -21.70 21.43 -9.24
CA THR B 121 -20.94 22.38 -8.44
C THR B 121 -19.46 22.10 -8.65
N VAL B 122 -19.09 20.81 -8.66
CA VAL B 122 -17.70 20.44 -8.88
C VAL B 122 -17.23 20.79 -10.27
N MET B 123 -18.01 20.43 -11.26
CA MET B 123 -17.57 20.86 -12.65
C MET B 123 -17.40 22.35 -12.84
N LYS B 124 -18.31 23.12 -12.26
CA LYS B 124 -18.26 24.52 -12.44
C LYS B 124 -17.06 25.04 -11.63
N HIS B 125 -16.76 24.45 -10.48
CA HIS B 125 -15.66 25.00 -9.69
C HIS B 125 -14.35 24.87 -10.49
N PHE B 126 -14.08 23.70 -11.08
CA PHE B 126 -12.81 23.54 -11.83
C PHE B 126 -12.81 24.14 -13.23
N GLY B 127 -14.00 24.38 -13.81
CA GLY B 127 -14.08 25.01 -15.13
C GLY B 127 -13.23 24.34 -16.17
N ASN B 128 -12.53 25.12 -16.96
CA ASN B 128 -11.72 24.56 -18.03
C ASN B 128 -10.32 24.04 -17.59
N LYS B 129 -10.05 23.93 -16.30
CA LYS B 129 -8.73 23.45 -15.84
C LYS B 129 -8.53 21.95 -16.07
N VAL B 130 -9.60 21.22 -16.38
CA VAL B 130 -9.47 19.80 -16.71
C VAL B 130 -9.73 19.61 -18.21
N ILE B 131 -9.14 18.58 -18.82
CA ILE B 131 -9.38 18.29 -20.21
C ILE B 131 -10.53 17.27 -20.40
N SER B 132 -10.90 16.62 -19.30
CA SER B 132 -11.89 15.56 -19.29
C SER B 132 -12.31 15.22 -17.86
N TRP B 133 -13.52 14.70 -17.69
CA TRP B 133 -14.07 14.19 -16.43
C TRP B 133 -14.50 12.74 -16.61
N ASP B 134 -14.13 11.87 -15.65
CA ASP B 134 -14.81 10.57 -15.45
C ASP B 134 -16.06 10.94 -14.65
N VAL B 135 -17.17 10.96 -15.33
CA VAL B 135 -18.39 11.30 -14.73
C VAL B 135 -18.84 10.11 -13.86
N VAL B 136 -18.85 8.90 -14.43
CA VAL B 136 -19.27 7.70 -13.69
C VAL B 136 -18.21 6.63 -13.86
N ASN B 137 -17.87 6.02 -12.73
CA ASN B 137 -16.86 4.98 -12.64
C ASN B 137 -17.48 3.65 -12.18
N GLU B 138 -17.20 2.54 -12.90
CA GLU B 138 -17.43 1.18 -12.32
C GLU B 138 -18.91 0.92 -11.94
N ALA B 139 -19.83 1.27 -12.80
CA ALA B 139 -21.26 1.07 -12.57
C ALA B 139 -21.67 -0.37 -12.92
N MET B 140 -20.90 -1.05 -13.77
CA MET B 140 -21.30 -2.42 -14.22
C MET B 140 -20.83 -3.55 -13.30
N ASN B 141 -21.62 -4.65 -13.07
CA ASN B 141 -21.14 -5.83 -12.35
C ASN B 141 -19.99 -6.52 -13.08
N ASP B 142 -19.14 -7.22 -12.32
CA ASP B 142 -18.19 -8.16 -12.89
C ASP B 142 -18.85 -9.38 -13.52
N ASN B 143 -18.31 -9.83 -14.64
CA ASN B 143 -18.86 -10.98 -15.40
C ASN B 143 -20.40 -11.04 -15.32
N PRO B 144 -21.08 -10.02 -15.90
CA PRO B 144 -22.56 -10.05 -15.90
C PRO B 144 -23.03 -11.25 -16.78
N SER B 145 -23.97 -12.04 -16.28
CA SER B 145 -24.47 -13.19 -17.06
C SER B 145 -25.46 -12.82 -18.21
N ASN B 146 -26.04 -11.63 -18.16
CA ASN B 146 -26.99 -11.26 -19.24
C ASN B 146 -26.66 -9.90 -19.89
N PRO B 147 -25.53 -9.84 -20.59
CA PRO B 147 -25.09 -8.53 -21.01
C PRO B 147 -26.04 -7.87 -22.06
N ALA B 148 -26.84 -8.67 -22.79
CA ALA B 148 -27.93 -8.09 -23.64
C ALA B 148 -28.83 -7.09 -22.87
N ASP B 149 -28.94 -7.22 -21.55
CA ASP B 149 -29.72 -6.27 -20.77
C ASP B 149 -28.78 -5.49 -19.85
N TYR B 150 -28.30 -4.37 -20.32
CA TYR B 150 -27.39 -3.54 -19.52
C TYR B 150 -28.02 -3.10 -18.17
N LYS B 151 -29.30 -2.79 -18.14
CA LYS B 151 -29.85 -2.26 -16.87
C LYS B 151 -29.78 -3.35 -15.82
N ALA B 152 -30.05 -4.57 -16.21
CA ALA B 152 -30.03 -5.71 -15.24
C ALA B 152 -28.56 -6.07 -14.86
N SER B 153 -27.58 -5.59 -15.63
CA SER B 153 -26.19 -5.90 -15.36
C SER B 153 -25.47 -4.84 -14.48
N LEU B 154 -26.18 -3.73 -14.13
CA LEU B 154 -25.62 -2.65 -13.34
C LEU B 154 -25.34 -3.17 -11.93
N ARG B 155 -24.19 -2.81 -11.36
CA ARG B 155 -23.96 -3.09 -9.97
C ARG B 155 -25.02 -2.38 -9.09
N GLN B 156 -25.56 -3.09 -8.15
CA GLN B 156 -26.54 -2.50 -7.26
C GLN B 156 -25.97 -1.61 -6.13
N THR B 157 -25.33 -0.53 -6.56
CA THR B 157 -24.65 0.37 -5.68
C THR B 157 -25.65 1.19 -4.87
N PRO B 158 -25.13 1.98 -3.90
CA PRO B 158 -26.07 2.97 -3.24
C PRO B 158 -26.78 3.98 -4.19
N TRP B 159 -26.12 4.47 -5.23
CA TRP B 159 -26.81 5.30 -6.20
C TRP B 159 -27.92 4.50 -6.90
N TYR B 160 -27.62 3.25 -7.24
CA TYR B 160 -28.60 2.44 -7.92
C TYR B 160 -29.80 2.29 -7.03
N GLN B 161 -29.59 1.97 -5.75
CA GLN B 161 -30.72 1.72 -4.86
C GLN B 161 -31.57 2.97 -4.60
N ALA B 162 -30.97 4.17 -4.65
CA ALA B 162 -31.79 5.34 -4.36
C ALA B 162 -32.53 5.81 -5.64
N ILE B 163 -31.83 5.77 -6.78
CA ILE B 163 -32.30 6.37 -8.00
C ILE B 163 -32.86 5.34 -8.98
N GLY B 164 -32.20 4.21 -9.11
CA GLY B 164 -32.60 3.14 -10.08
C GLY B 164 -31.56 3.14 -11.23
N SER B 165 -31.77 2.31 -12.24
CA SER B 165 -30.80 2.08 -13.32
C SER B 165 -30.56 3.32 -14.25
N ASP B 166 -31.45 4.30 -14.17
CA ASP B 166 -31.20 5.48 -15.01
C ASP B 166 -30.26 6.51 -14.32
N TYR B 167 -29.62 6.16 -13.20
CA TYR B 167 -28.71 7.15 -12.57
C TYR B 167 -27.49 7.42 -13.43
N VAL B 168 -27.05 6.43 -14.21
CA VAL B 168 -25.88 6.62 -15.01
C VAL B 168 -26.24 7.69 -16.07
N GLU B 169 -27.33 7.52 -16.78
CA GLU B 169 -27.76 8.55 -17.75
C GLU B 169 -27.99 9.95 -17.10
N GLN B 170 -28.58 9.98 -15.90
CA GLN B 170 -28.90 11.28 -15.24
C GLN B 170 -27.61 11.98 -14.88
N ALA B 171 -26.61 11.19 -14.44
CA ALA B 171 -25.30 11.75 -14.16
C ALA B 171 -24.69 12.43 -15.40
N PHE B 172 -24.69 11.78 -16.55
CA PHE B 172 -24.17 12.41 -17.76
C PHE B 172 -24.98 13.60 -18.25
N LEU B 173 -26.29 13.54 -18.12
CA LEU B 173 -27.10 14.69 -18.52
C LEU B 173 -26.80 15.91 -17.65
N ALA B 174 -26.63 15.69 -16.32
CA ALA B 174 -26.25 16.76 -15.36
C ALA B 174 -24.90 17.41 -15.81
N ALA B 175 -23.89 16.59 -16.11
CA ALA B 175 -22.62 17.05 -16.62
C ALA B 175 -22.74 17.73 -17.98
N ARG B 176 -23.49 17.12 -18.88
CA ARG B 176 -23.74 17.69 -20.19
C ARG B 176 -24.38 19.09 -20.15
N GLU B 177 -25.30 19.32 -19.22
CA GLU B 177 -25.91 20.61 -19.06
C GLU B 177 -24.88 21.66 -18.71
N VAL B 178 -23.91 21.31 -17.86
CA VAL B 178 -22.84 22.24 -17.51
C VAL B 178 -22.04 22.66 -18.77
N LEU B 179 -21.63 21.69 -19.61
CA LEU B 179 -20.90 21.98 -20.86
C LEU B 179 -21.69 22.77 -21.87
N ASP B 180 -22.99 22.49 -22.02
CA ASP B 180 -23.84 23.36 -22.87
C ASP B 180 -23.96 24.82 -22.39
N GLU B 181 -23.93 25.11 -21.08
CA GLU B 181 -23.96 26.51 -20.61
C GLU B 181 -22.60 27.23 -20.73
N ASN B 182 -21.54 26.46 -20.93
CA ASN B 182 -20.17 26.93 -20.94
C ASN B 182 -19.42 26.37 -22.14
N PRO B 183 -19.82 26.80 -23.35
CA PRO B 183 -19.27 26.21 -24.58
C PRO B 183 -17.77 26.53 -24.78
N SER B 184 -17.19 27.42 -23.99
CA SER B 184 -15.76 27.69 -24.19
C SER B 184 -14.90 26.61 -23.49
N TRP B 185 -15.49 25.80 -22.64
CA TRP B 185 -14.72 24.72 -22.00
C TRP B 185 -14.60 23.46 -22.92
N ASN B 186 -13.37 23.04 -23.24
CA ASN B 186 -13.08 21.83 -24.04
C ASN B 186 -12.87 20.60 -23.13
N ILE B 187 -13.97 19.91 -22.83
CA ILE B 187 -13.95 18.84 -21.85
C ILE B 187 -14.70 17.65 -22.42
N LYS B 188 -14.15 16.43 -22.31
CA LYS B 188 -14.81 15.18 -22.71
C LYS B 188 -15.36 14.46 -21.51
N LEU B 189 -16.56 13.89 -21.61
CA LEU B 189 -17.16 13.22 -20.44
C LEU B 189 -16.96 11.71 -20.69
N TYR B 190 -16.34 11.04 -19.74
CA TYR B 190 -16.10 9.63 -19.80
C TYR B 190 -16.91 8.77 -18.82
N TYR B 191 -17.21 7.54 -19.30
CA TYR B 191 -17.58 6.38 -18.45
C TYR B 191 -16.30 5.52 -18.31
N ASN B 192 -15.95 5.18 -17.09
CA ASN B 192 -14.71 4.49 -16.79
C ASN B 192 -14.98 3.12 -16.14
N ASP B 193 -14.32 2.04 -16.57
CA ASP B 193 -14.55 0.67 -15.87
C ASP B 193 -13.34 -0.22 -15.96
N TYR B 194 -13.33 -1.30 -15.18
CA TYR B 194 -12.17 -2.19 -15.17
C TYR B 194 -12.66 -3.53 -15.65
N ASN B 195 -11.72 -4.46 -15.87
CA ASN B 195 -12.05 -5.81 -16.37
C ASN B 195 -12.79 -5.72 -17.69
N GLU B 196 -12.46 -4.68 -18.42
CA GLU B 196 -13.02 -4.42 -19.70
C GLU B 196 -12.67 -5.50 -20.72
N ASP B 197 -11.70 -6.32 -20.43
CA ASP B 197 -11.26 -7.42 -21.31
C ASP B 197 -12.11 -8.70 -21.02
N ASN B 198 -12.98 -8.66 -19.99
CA ASN B 198 -14.08 -9.65 -19.88
C ASN B 198 -15.12 -9.32 -20.96
N GLN B 199 -15.38 -10.26 -21.87
CA GLN B 199 -16.19 -9.95 -23.06
C GLN B 199 -17.68 -9.67 -22.73
N ASN B 200 -18.21 -10.32 -21.70
CA ASN B 200 -19.52 -10.00 -21.21
C ASN B 200 -19.65 -8.61 -20.61
N LYS B 201 -18.68 -8.24 -19.78
CA LYS B 201 -18.70 -6.88 -19.18
C LYS B 201 -18.58 -5.85 -20.30
N ALA B 202 -17.72 -6.12 -21.28
CA ALA B 202 -17.51 -5.16 -22.34
C ALA B 202 -18.78 -4.99 -23.15
N THR B 203 -19.43 -6.12 -23.46
CA THR B 203 -20.68 -6.10 -24.19
C THR B 203 -21.77 -5.30 -23.43
N ALA B 204 -21.84 -5.49 -22.15
CA ALA B 204 -22.79 -4.75 -21.36
C ALA B 204 -22.47 -3.22 -21.40
N ILE B 205 -21.21 -2.85 -21.25
CA ILE B 205 -20.84 -1.42 -21.23
C ILE B 205 -21.17 -0.85 -22.60
N TYR B 206 -20.86 -1.61 -23.65
CA TYR B 206 -21.21 -1.23 -24.97
C TYR B 206 -22.73 -0.99 -25.16
N ASN B 207 -23.55 -1.89 -24.63
CA ASN B 207 -24.99 -1.77 -24.81
C ASN B 207 -25.51 -0.56 -24.03
N MET B 208 -24.92 -0.29 -22.86
CA MET B 208 -25.34 0.84 -22.06
C MET B 208 -25.04 2.17 -22.77
N VAL B 209 -23.83 2.30 -23.26
CA VAL B 209 -23.40 3.50 -23.95
C VAL B 209 -24.17 3.70 -25.23
N LYS B 210 -24.37 2.63 -25.98
CA LYS B 210 -25.09 2.77 -27.25
C LYS B 210 -26.53 3.20 -27.01
N ASP B 211 -27.18 2.62 -26.03
CA ASP B 211 -28.56 3.04 -25.76
C ASP B 211 -28.61 4.50 -25.27
N ILE B 212 -27.69 4.88 -24.40
CA ILE B 212 -27.75 6.22 -23.84
C ILE B 212 -27.37 7.23 -24.99
N ASN B 213 -26.29 6.97 -25.71
CA ASN B 213 -25.96 7.85 -26.86
C ASN B 213 -27.02 7.92 -27.96
N ASP B 214 -27.60 6.78 -28.38
CA ASP B 214 -28.60 6.82 -29.44
C ASP B 214 -29.78 7.77 -29.12
N ARG B 215 -30.30 7.69 -27.88
CA ARG B 215 -31.49 8.46 -27.53
C ARG B 215 -31.13 9.92 -27.48
N TYR B 216 -29.98 10.24 -26.88
CA TYR B 216 -29.50 11.59 -26.84
C TYR B 216 -29.25 12.17 -28.25
N ALA B 217 -28.48 11.43 -29.03
CA ALA B 217 -28.25 11.77 -30.42
C ALA B 217 -29.52 12.06 -31.26
N ALA B 218 -30.56 11.23 -31.12
CA ALA B 218 -31.82 11.45 -31.88
C ALA B 218 -32.54 12.74 -31.48
N ALA B 219 -32.41 13.17 -30.22
CA ALA B 219 -32.97 14.47 -29.77
C ALA B 219 -32.07 15.72 -29.99
N HIS B 220 -30.80 15.53 -30.30
CA HIS B 220 -29.84 16.62 -30.28
C HIS B 220 -28.99 16.58 -31.55
N ASN B 221 -29.59 16.18 -32.65
CA ASN B 221 -28.92 16.23 -33.97
C ASN B 221 -27.49 15.58 -34.02
N GLY B 222 -27.38 14.39 -33.44
CA GLY B 222 -26.16 13.59 -33.54
C GLY B 222 -25.09 13.75 -32.46
N LYS B 223 -25.26 14.74 -31.57
CA LYS B 223 -24.28 15.04 -30.56
C LYS B 223 -24.19 13.88 -29.54
N LEU B 224 -22.99 13.51 -29.13
CA LEU B 224 -22.75 12.41 -28.14
C LEU B 224 -22.98 12.93 -26.73
N LEU B 225 -23.61 12.14 -25.93
CA LEU B 225 -23.76 12.48 -24.55
C LEU B 225 -22.52 11.98 -23.75
N ILE B 226 -22.18 10.70 -23.92
CA ILE B 226 -20.93 10.09 -23.42
C ILE B 226 -19.86 10.22 -24.52
N ASP B 227 -18.82 11.06 -24.33
CA ASP B 227 -17.74 11.23 -25.33
C ASP B 227 -16.66 10.13 -25.36
N GLY B 228 -16.48 9.42 -24.26
CA GLY B 228 -15.29 8.59 -24.09
C GLY B 228 -15.65 7.42 -23.23
N VAL B 229 -14.99 6.27 -23.49
CA VAL B 229 -15.01 5.18 -22.56
C VAL B 229 -13.55 5.01 -22.07
N GLY B 230 -13.36 4.93 -20.75
CA GLY B 230 -12.03 4.73 -20.21
C GLY B 230 -11.87 3.26 -19.82
N MET B 231 -10.81 2.61 -20.29
CA MET B 231 -10.53 1.21 -19.88
C MET B 231 -9.51 1.39 -18.77
N GLN B 232 -9.82 0.91 -17.59
CA GLN B 232 -8.90 1.12 -16.50
C GLN B 232 -7.56 0.42 -16.72
N GLY B 233 -7.53 -0.73 -17.38
CA GLY B 233 -6.22 -1.36 -17.64
C GLY B 233 -5.55 -1.91 -16.37
N HIS B 234 -6.32 -2.37 -15.37
CA HIS B 234 -5.76 -3.17 -14.27
C HIS B 234 -5.47 -4.59 -14.79
N TYR B 235 -4.34 -4.73 -15.47
CA TYR B 235 -4.03 -6.03 -16.04
C TYR B 235 -3.04 -6.86 -15.23
N ASN B 236 -2.89 -8.12 -15.61
CA ASN B 236 -1.88 -8.96 -14.99
C ASN B 236 -1.24 -9.77 -16.07
N ILE B 237 -0.10 -10.39 -15.76
CA ILE B 237 0.74 -10.99 -16.77
C ILE B 237 0.03 -12.10 -17.55
N ASN B 238 -1.08 -12.59 -17.01
CA ASN B 238 -1.85 -13.58 -17.74
C ASN B 238 -2.98 -12.99 -18.60
N THR B 239 -3.14 -11.66 -18.59
CA THR B 239 -4.15 -10.99 -19.41
C THR B 239 -4.01 -11.36 -20.87
N ASN B 240 -5.08 -11.86 -21.49
CA ASN B 240 -5.04 -12.19 -22.91
C ASN B 240 -5.14 -10.95 -23.79
N PRO B 241 -4.08 -10.64 -24.54
CA PRO B 241 -4.05 -9.41 -25.36
C PRO B 241 -5.08 -9.34 -26.52
N ASP B 242 -5.48 -10.50 -27.09
CA ASP B 242 -6.60 -10.57 -28.05
C ASP B 242 -7.98 -10.18 -27.44
N ASN B 243 -8.16 -10.45 -26.14
CA ASN B 243 -9.36 -10.01 -25.44
C ASN B 243 -9.39 -8.51 -25.29
N VAL B 244 -8.23 -7.92 -25.02
CA VAL B 244 -8.13 -6.49 -24.93
C VAL B 244 -8.38 -5.84 -26.31
N LYS B 245 -7.84 -6.40 -27.40
CA LYS B 245 -8.21 -5.89 -28.75
C LYS B 245 -9.73 -5.98 -29.07
N LEU B 246 -10.36 -7.14 -28.84
CA LEU B 246 -11.81 -7.26 -29.05
C LEU B 246 -12.59 -6.13 -28.37
N SER B 247 -12.28 -5.88 -27.10
CA SER B 247 -12.97 -4.84 -26.34
C SER B 247 -12.67 -3.44 -26.84
N LEU B 248 -11.41 -3.17 -27.12
CA LEU B 248 -11.03 -1.89 -27.63
C LEU B 248 -11.78 -1.61 -28.95
N GLU B 249 -11.77 -2.57 -29.86
CA GLU B 249 -12.44 -2.42 -31.13
C GLU B 249 -13.96 -2.27 -30.93
N LYS B 250 -14.51 -2.99 -29.97
CA LYS B 250 -15.89 -2.84 -29.64
C LYS B 250 -16.20 -1.37 -29.17
N PHE B 251 -15.35 -0.82 -28.31
CA PHE B 251 -15.63 0.55 -27.84
C PHE B 251 -15.47 1.60 -28.93
N ILE B 252 -14.42 1.46 -29.75
CA ILE B 252 -14.24 2.31 -30.93
C ILE B 252 -15.46 2.36 -31.86
N SER B 253 -16.12 1.24 -32.10
CA SER B 253 -17.32 1.22 -32.97
C SER B 253 -18.53 2.06 -32.43
N LEU B 254 -18.48 2.56 -31.19
CA LEU B 254 -19.52 3.43 -30.69
C LEU B 254 -19.29 4.86 -31.17
N GLY B 255 -18.12 5.14 -31.75
CA GLY B 255 -17.82 6.48 -32.22
C GLY B 255 -17.34 7.38 -31.07
N VAL B 256 -17.01 6.77 -29.95
CA VAL B 256 -16.46 7.51 -28.82
C VAL B 256 -14.94 7.45 -28.93
N GLU B 257 -14.27 8.32 -28.21
CA GLU B 257 -12.84 8.15 -27.99
C GLU B 257 -12.61 7.16 -26.83
N VAL B 258 -11.41 6.62 -26.79
CA VAL B 258 -11.07 5.63 -25.78
C VAL B 258 -9.85 6.12 -25.04
N SER B 259 -9.80 5.87 -23.73
CA SER B 259 -8.58 6.14 -22.97
C SER B 259 -8.27 4.99 -22.06
N VAL B 260 -7.02 4.88 -21.66
CA VAL B 260 -6.59 3.84 -20.75
C VAL B 260 -6.25 4.63 -19.50
N SER B 261 -7.03 4.41 -18.45
CA SER B 261 -6.98 5.34 -17.35
C SER B 261 -6.07 4.96 -16.16
N GLU B 262 -5.76 3.68 -15.94
CA GLU B 262 -5.08 3.25 -14.69
C GLU B 262 -4.14 2.06 -14.94
N LEU B 263 -3.42 2.15 -16.03
CA LEU B 263 -2.71 1.06 -16.54
C LEU B 263 -1.65 0.55 -15.56
N ASP B 264 -1.73 -0.74 -15.30
CA ASP B 264 -0.71 -1.42 -14.54
C ASP B 264 -0.78 -2.94 -14.80
N VAL B 265 0.38 -3.60 -14.74
CA VAL B 265 0.45 -5.03 -15.02
C VAL B 265 1.06 -5.63 -13.78
N THR B 266 0.24 -6.33 -13.03
CA THR B 266 0.68 -6.93 -11.78
C THR B 266 0.89 -8.46 -11.99
N ALA B 267 1.33 -9.17 -10.95
CA ALA B 267 1.47 -10.63 -11.00
C ALA B 267 0.09 -11.28 -11.14
N GLY B 268 0.01 -12.44 -11.79
CA GLY B 268 -1.30 -13.07 -11.92
C GLY B 268 -1.75 -13.71 -10.59
N LEU B 277 6.68 -11.67 -12.65
CA LEU B 277 8.01 -11.57 -13.21
C LEU B 277 8.08 -10.29 -14.06
N ALA B 278 9.24 -9.65 -14.00
CA ALA B 278 9.52 -8.44 -14.75
C ALA B 278 9.39 -8.70 -16.26
N VAL B 279 9.85 -9.89 -16.67
CA VAL B 279 9.83 -10.27 -18.06
C VAL B 279 8.39 -10.34 -18.56
N GLY B 280 7.52 -10.95 -17.75
CA GLY B 280 6.12 -11.09 -18.13
C GLY B 280 5.41 -9.75 -18.31
N GLN B 281 5.85 -8.72 -17.60
CA GLN B 281 5.29 -7.38 -17.77
C GLN B 281 5.67 -6.83 -19.12
N ALA B 282 6.98 -6.92 -19.43
CA ALA B 282 7.52 -6.40 -20.66
C ALA B 282 6.78 -7.04 -21.82
N TYR B 283 6.54 -8.34 -21.76
CA TYR B 283 5.78 -9.02 -22.81
C TYR B 283 4.46 -8.27 -23.05
N LEU B 284 3.70 -8.07 -21.97
CA LEU B 284 2.39 -7.50 -22.11
C LEU B 284 2.43 -5.97 -22.43
N TYR B 285 3.34 -5.22 -21.81
CA TYR B 285 3.42 -3.78 -22.09
C TYR B 285 3.69 -3.53 -23.57
N ALA B 286 4.54 -4.36 -24.17
CA ALA B 286 4.90 -4.19 -25.59
C ALA B 286 3.72 -4.53 -26.48
N GLN B 287 3.03 -5.62 -26.14
CA GLN B 287 1.85 -5.97 -26.88
C GLN B 287 0.73 -4.95 -26.75
N LEU B 288 0.57 -4.34 -25.59
CA LEU B 288 -0.42 -3.26 -25.42
C LEU B 288 -0.10 -1.99 -26.18
N PHE B 289 1.14 -1.56 -26.09
CA PHE B 289 1.52 -0.39 -26.84
C PHE B 289 1.44 -0.56 -28.32
N LYS B 290 1.67 -1.77 -28.84
CA LYS B 290 1.51 -2.05 -30.28
C LYS B 290 0.06 -1.83 -30.64
N LEU B 291 -0.81 -2.45 -29.87
CA LEU B 291 -2.24 -2.34 -30.03
C LEU B 291 -2.67 -0.90 -29.92
N TYR B 292 -2.25 -0.22 -28.85
CA TYR B 292 -2.65 1.17 -28.71
C TYR B 292 -2.17 1.99 -29.88
N LYS B 293 -0.91 1.82 -30.28
CA LYS B 293 -0.42 2.59 -31.41
C LYS B 293 -1.23 2.35 -32.70
N GLU B 294 -1.82 1.16 -32.81
CA GLU B 294 -2.54 0.80 -34.05
C GLU B 294 -3.91 1.48 -34.06
N HIS B 295 -4.44 1.78 -32.88
CA HIS B 295 -5.72 2.45 -32.86
C HIS B 295 -5.58 3.89 -32.37
N ALA B 296 -4.41 4.49 -32.60
CA ALA B 296 -4.05 5.77 -32.01
C ALA B 296 -5.04 6.88 -32.34
N ASP B 297 -5.65 6.80 -33.53
CA ASP B 297 -6.59 7.85 -33.98
C ASP B 297 -7.80 7.93 -33.04
N HIS B 298 -8.01 6.89 -32.25
CA HIS B 298 -9.17 6.83 -31.35
C HIS B 298 -8.83 6.85 -29.89
N ILE B 299 -7.54 6.85 -29.60
CA ILE B 299 -7.07 6.89 -28.22
C ILE B 299 -6.55 8.29 -27.89
N ALA B 300 -7.04 8.81 -26.77
CA ALA B 300 -6.76 10.23 -26.41
C ALA B 300 -5.61 10.27 -25.40
N ARG B 301 -5.56 9.26 -24.55
CA ARG B 301 -4.68 9.22 -23.40
C ARG B 301 -4.42 7.79 -22.96
N VAL B 302 -3.20 7.50 -22.56
CA VAL B 302 -2.85 6.33 -21.82
C VAL B 302 -2.16 6.80 -20.55
N THR B 303 -2.76 6.50 -19.39
CA THR B 303 -2.30 6.91 -18.07
C THR B 303 -1.91 5.67 -17.24
N PHE B 304 -0.72 5.70 -16.68
CA PHE B 304 -0.30 4.63 -15.77
C PHE B 304 -0.76 4.95 -14.37
N TRP B 305 -0.95 3.91 -13.53
CA TRP B 305 -1.29 4.21 -12.14
C TRP B 305 -0.20 3.90 -11.10
MG MG C . 21.71 -5.80 0.78
CL CL D . 17.17 5.41 32.40
CL CL D . 15.81 7.14 32.52
MG MG E . 16.76 4.24 29.29
MG MG F . -4.86 9.92 -30.60
CL CL G . -9.49 20.93 1.40
CL CL G . -10.83 22.40 1.73
MG MG H . -9.87 19.82 -1.81
#